data_5SWM
#
_entry.id   5SWM
#
_cell.length_a   37.474
_cell.length_b   44.500
_cell.length_c   62.174
_cell.angle_alpha   84.42
_cell.angle_beta   89.90
_cell.angle_gamma   65.10
#
_symmetry.space_group_name_H-M   'P 1'
#
loop_
_entity.id
_entity.type
_entity.pdbx_description
1 polymer 'Ribonuclease H'
2 polymer 'RNA (12-MER)'
3 polymer 'DNA (12-MER)'
4 non-polymer 'SODIUM ION'
5 non-polymer 'CHLORIDE ION'
6 non-polymer DI(HYDROXYETHYL)ETHER
7 non-polymer GLYCEROL
8 water water
#
loop_
_entity_poly.entity_id
_entity_poly.type
_entity_poly.pdbx_seq_one_letter_code
_entity_poly.pdbx_strand_id
1 'polypeptide(L)'
;GSHMAKEEIIWESLSVDVGSQGNPGIVEYKGVDTKTGEVLFEREPIPIGTNNMGEFLAIVHGLRYLKERNSRKPIYSNSQ
TAIKWVKDKKAKSTLVRNEETALIWKLVDEAEEWLNTHTYETPILKWQTDKWGEIKADYGRK
;
A,B
2 'polyribonucleotide' (GF2)(AF2)(CFZ)(AF2)(CFZ)(CFZ)(UFT)(GF2)(AF2)(UFT)(UFT)(CFZ) C
3 'polydeoxyribonucleotide' (DG)(DA)(DA)(BRU)(DC)(DA)(DG)(DG)(DT)(DG)(DT)(DC) D
#
loop_
_chem_comp.id
_chem_comp.type
_chem_comp.name
_chem_comp.formula
AF2 DNA linking '2'-deoxy-2'-fluoroadenosine 5'-(dihydrogen phosphate)' 'C10 H13 F N5 O6 P'
BRU DNA linking 5-BROMO-2'-DEOXYURIDINE-5'-MONOPHOSPHATE 'C9 H12 Br N2 O8 P'
CFZ DNA linking '2'-deoxy-2'-fluorocytidine 5'-(dihydrogen phosphate)' 'C9 H13 F N3 O7 P'
CL non-polymer 'CHLORIDE ION' 'Cl -1'
DA DNA linking 2'-DEOXYADENOSINE-5'-MONOPHOSPHATE 'C10 H14 N5 O6 P'
DC DNA linking 2'-DEOXYCYTIDINE-5'-MONOPHOSPHATE 'C9 H14 N3 O7 P'
DG DNA linking 2'-DEOXYGUANOSINE-5'-MONOPHOSPHATE 'C10 H14 N5 O7 P'
DT DNA linking THYMIDINE-5'-MONOPHOSPHATE 'C10 H15 N2 O8 P'
GF2 DNA linking '2'-deoxy-2'-fluoroguanosine 5'-(dihydrogen phosphate)' 'C10 H13 F N5 O7 P'
GOL non-polymer GLYCEROL 'C3 H8 O3'
NA non-polymer 'SODIUM ION' 'Na 1'
PEG non-polymer DI(HYDROXYETHYL)ETHER 'C4 H10 O3'
UFT DNA linking '2'-deoxy-2'-fluorouridine 5'-(dihydrogen phosphate)' 'C9 H12 F N2 O8 P'
#
# COMPACT_ATOMS: atom_id res chain seq x y z
N ILE A 9 -3.33 -12.60 -24.15
CA ILE A 9 -1.93 -12.09 -23.95
C ILE A 9 -1.10 -12.47 -25.13
N ILE A 10 -0.35 -11.51 -25.61
CA ILE A 10 0.63 -11.76 -26.64
C ILE A 10 1.99 -12.03 -25.98
N TRP A 11 2.29 -13.28 -25.79
CA TRP A 11 3.40 -13.69 -24.97
C TRP A 11 4.77 -13.32 -25.60
N GLU A 12 4.84 -13.26 -26.94
CA GLU A 12 6.01 -12.82 -27.65
C GLU A 12 6.08 -11.32 -27.73
N SER A 13 6.50 -10.71 -26.62
CA SER A 13 6.41 -9.29 -26.42
C SER A 13 7.44 -8.84 -25.38
N LEU A 14 7.62 -7.53 -25.30
CA LEU A 14 8.41 -6.87 -24.26
C LEU A 14 7.51 -6.17 -23.30
N SER A 15 7.62 -6.39 -22.01
CA SER A 15 6.80 -5.62 -21.05
C SER A 15 7.70 -4.63 -20.31
N VAL A 16 7.21 -3.43 -20.10
CA VAL A 16 7.97 -2.36 -19.45
C VAL A 16 7.18 -1.80 -18.31
N ASP A 17 7.89 -1.31 -17.29
CA ASP A 17 7.23 -0.60 -16.17
C ASP A 17 8.19 0.26 -15.47
N VAL A 18 7.65 1.27 -14.80
CA VAL A 18 8.36 2.09 -13.83
C VAL A 18 8.37 1.48 -12.42
N GLY A 19 9.32 1.95 -11.64
CA GLY A 19 9.34 1.74 -10.22
C GLY A 19 9.86 2.97 -9.58
N SER A 20 9.37 3.28 -8.42
CA SER A 20 9.78 4.52 -7.80
C SER A 20 9.83 4.45 -6.30
N GLN A 21 10.49 5.41 -5.77
CA GLN A 21 10.55 5.61 -4.28
C GLN A 21 10.06 7.05 -4.05
N GLY A 22 8.78 7.19 -3.78
CA GLY A 22 8.17 8.52 -3.82
C GLY A 22 7.54 8.78 -5.15
N ASN A 23 6.47 9.55 -5.16
CA ASN A 23 5.93 10.07 -6.44
C ASN A 23 5.38 11.48 -6.26
N PRO A 24 6.12 12.50 -6.65
CA PRO A 24 7.43 12.37 -7.30
C PRO A 24 8.52 11.83 -6.39
N GLY A 25 9.52 11.19 -7.00
CA GLY A 25 10.67 10.68 -6.24
C GLY A 25 11.66 10.00 -7.15
N ILE A 26 12.41 9.06 -6.59
CA ILE A 26 13.47 8.41 -7.36
C ILE A 26 12.82 7.39 -8.31
N VAL A 27 13.07 7.53 -9.61
CA VAL A 27 12.41 6.73 -10.60
C VAL A 27 13.39 5.86 -11.36
N GLU A 28 12.98 4.63 -11.59
CA GLU A 28 13.69 3.74 -12.52
C GLU A 28 12.71 3.01 -13.38
N TYR A 29 13.18 2.23 -14.32
CA TYR A 29 12.29 1.43 -15.15
C TYR A 29 13.03 0.24 -15.67
N LYS A 30 12.27 -0.75 -16.11
CA LYS A 30 12.89 -1.94 -16.68
C LYS A 30 11.99 -2.52 -17.73
N GLY A 31 12.64 -3.35 -18.59
CA GLY A 31 11.95 -4.09 -19.62
C GLY A 31 12.28 -5.56 -19.48
N VAL A 32 11.26 -6.38 -19.61
CA VAL A 32 11.38 -7.80 -19.45
C VAL A 32 10.73 -8.56 -20.54
N ASP A 33 11.20 -9.80 -20.74
CA ASP A 33 10.52 -10.71 -21.70
C ASP A 33 9.20 -11.21 -21.07
N THR A 34 8.05 -10.91 -21.70
CA THR A 34 6.79 -11.19 -21.09
C THR A 34 6.62 -12.70 -20.71
N LYS A 35 7.14 -13.53 -21.53
CA LYS A 35 6.96 -14.99 -21.32
C LYS A 35 7.77 -15.44 -20.12
N THR A 36 9.04 -15.05 -20.06
CA THR A 36 9.97 -15.60 -19.04
C THR A 36 10.20 -14.74 -17.76
N GLY A 37 10.00 -13.42 -17.88
CA GLY A 37 10.39 -12.45 -16.87
C GLY A 37 11.88 -12.09 -16.90
N GLU A 38 12.59 -12.58 -17.90
CA GLU A 38 14.00 -12.23 -18.01
C GLU A 38 14.10 -10.67 -18.13
N VAL A 39 15.01 -10.09 -17.38
CA VAL A 39 15.24 -8.63 -17.48
C VAL A 39 16.15 -8.35 -18.65
N LEU A 40 15.68 -7.53 -19.57
CA LEU A 40 16.38 -7.19 -20.80
C LEU A 40 17.10 -5.84 -20.71
N PHE A 41 16.54 -4.95 -19.94
CA PHE A 41 17.18 -3.66 -19.63
C PHE A 41 16.65 -3.10 -18.38
N GLU A 42 17.48 -2.29 -17.73
CA GLU A 42 17.05 -1.58 -16.55
C GLU A 42 17.80 -0.27 -16.47
N ARG A 43 17.06 0.80 -16.25
CA ARG A 43 17.64 2.15 -16.15
C ARG A 43 18.11 2.42 -14.79
N GLU A 44 19.30 3.03 -14.69
CA GLU A 44 19.80 3.57 -13.45
C GLU A 44 18.81 4.56 -12.82
N PRO A 45 18.64 4.49 -11.50
CA PRO A 45 17.67 5.44 -10.90
C PRO A 45 17.95 6.86 -11.22
N ILE A 46 16.86 7.59 -11.36
CA ILE A 46 16.88 9.03 -11.69
C ILE A 46 16.30 9.76 -10.44
N PRO A 47 17.02 10.76 -9.93
CA PRO A 47 16.76 11.15 -8.56
C PRO A 47 15.39 11.75 -8.29
N ILE A 48 14.82 12.49 -9.25
CA ILE A 48 13.43 12.93 -9.10
C ILE A 48 12.69 12.89 -10.40
N GLY A 49 11.59 12.22 -10.39
CA GLY A 49 10.69 12.18 -11.52
C GLY A 49 9.29 11.78 -11.05
N THR A 50 8.42 11.57 -12.00
CA THR A 50 7.07 11.06 -11.72
C THR A 50 6.89 9.67 -12.28
N ASN A 51 5.85 9.00 -11.79
CA ASN A 51 5.48 7.70 -12.30
C ASN A 51 5.28 7.71 -13.78
N ASN A 52 4.56 8.72 -14.25
CA ASN A 52 4.16 8.77 -15.67
C ASN A 52 5.34 9.09 -16.54
N MET A 53 6.23 9.96 -16.07
CA MET A 53 7.50 10.22 -16.85
C MET A 53 8.26 8.94 -16.99
N GLY A 54 8.39 8.19 -15.90
CA GLY A 54 9.10 6.92 -15.96
C GLY A 54 8.46 5.90 -16.90
N GLU A 55 7.15 5.81 -16.81
CA GLU A 55 6.41 4.95 -17.76
C GLU A 55 6.67 5.31 -19.20
N PHE A 56 6.71 6.63 -19.49
CA PHE A 56 6.98 7.13 -20.85
C PHE A 56 8.37 6.77 -21.30
N LEU A 57 9.35 7.05 -20.47
CA LEU A 57 10.72 6.71 -20.82
C LEU A 57 10.89 5.23 -21.04
N ALA A 58 10.20 4.41 -20.25
CA ALA A 58 10.30 2.94 -20.42
C ALA A 58 9.80 2.49 -21.78
N ILE A 59 8.67 3.04 -22.23
CA ILE A 59 8.16 2.68 -23.54
C ILE A 59 9.12 3.12 -24.66
N VAL A 60 9.58 4.37 -24.60
CA VAL A 60 10.45 4.83 -25.63
C VAL A 60 11.75 4.05 -25.62
N HIS A 61 12.29 3.74 -24.46
CA HIS A 61 13.52 2.90 -24.43
C HIS A 61 13.22 1.54 -25.09
N GLY A 62 12.10 0.96 -24.77
CA GLY A 62 11.70 -0.26 -25.40
C GLY A 62 11.63 -0.14 -26.92
N LEU A 63 11.07 0.93 -27.44
CA LEU A 63 11.07 1.13 -28.89
C LEU A 63 12.44 1.14 -29.46
N ARG A 64 13.35 1.85 -28.78
CA ARG A 64 14.73 1.97 -29.26
C ARG A 64 15.47 0.58 -29.22
N TYR A 65 15.21 -0.13 -28.12
CA TYR A 65 15.80 -1.45 -27.90
C TYR A 65 15.38 -2.42 -29.00
N LEU A 66 14.07 -2.47 -29.29
CA LEU A 66 13.57 -3.37 -30.29
C LEU A 66 13.96 -2.97 -31.72
N LYS A 67 14.01 -1.70 -32.00
CA LYS A 67 14.44 -1.28 -33.29
C LYS A 67 15.89 -1.62 -33.56
N GLU A 68 16.74 -1.42 -32.56
CA GLU A 68 18.18 -1.72 -32.75
C GLU A 68 18.43 -3.20 -33.00
N ARG A 69 17.56 -4.05 -32.43
CA ARG A 69 17.65 -5.48 -32.61
C ARG A 69 16.81 -6.02 -33.72
N ASN A 70 16.22 -5.15 -34.54
CA ASN A 70 15.37 -5.60 -35.65
C ASN A 70 14.30 -6.55 -35.22
N SER A 71 13.65 -6.23 -34.10
CA SER A 71 12.59 -7.04 -33.54
C SER A 71 11.26 -6.38 -33.79
N ARG A 72 10.26 -7.16 -34.19
CA ARG A 72 8.92 -6.69 -34.43
C ARG A 72 7.97 -6.99 -33.27
N LYS A 73 8.49 -7.40 -32.13
CA LYS A 73 7.62 -7.69 -30.98
C LYS A 73 6.89 -6.41 -30.52
N PRO A 74 5.67 -6.57 -30.00
CA PRO A 74 4.98 -5.47 -29.36
C PRO A 74 5.50 -5.20 -28.01
N ILE A 75 5.17 -4.00 -27.51
CA ILE A 75 5.46 -3.58 -26.14
C ILE A 75 4.19 -3.52 -25.35
N TYR A 76 4.18 -4.12 -24.18
CA TYR A 76 3.11 -3.91 -23.16
C TYR A 76 3.54 -2.88 -22.13
N SER A 77 2.61 -1.96 -21.83
CA SER A 77 2.69 -1.02 -20.73
C SER A 77 1.36 -1.02 -20.00
N ASN A 78 1.39 -0.89 -18.67
CA ASN A 78 0.16 -0.71 -17.96
C ASN A 78 -0.33 0.72 -17.91
N SER A 79 0.35 1.66 -18.57
CA SER A 79 0.09 3.09 -18.35
C SER A 79 -0.74 3.68 -19.49
N GLN A 80 -2.05 3.91 -19.27
CA GLN A 80 -2.85 4.64 -20.24
C GLN A 80 -2.25 6.01 -20.56
N THR A 81 -1.71 6.67 -19.51
CA THR A 81 -1.13 7.97 -19.71
C THR A 81 0.05 7.87 -20.67
N ALA A 82 1.02 7.02 -20.34
CA ALA A 82 2.25 6.97 -21.10
C ALA A 82 2.04 6.50 -22.54
N ILE A 83 1.10 5.58 -22.73
CA ILE A 83 0.77 5.10 -24.08
C ILE A 83 0.25 6.30 -24.88
N LYS A 84 -0.59 7.15 -24.29
CA LYS A 84 -1.05 8.34 -25.00
C LYS A 84 0.06 9.32 -25.27
N TRP A 85 0.93 9.55 -24.31
CA TRP A 85 2.04 10.48 -24.49
C TRP A 85 2.90 10.01 -25.68
N VAL A 86 3.21 8.72 -25.75
CA VAL A 86 4.02 8.21 -26.85
C VAL A 86 3.30 8.39 -28.21
N LYS A 87 2.04 8.10 -28.25
CA LYS A 87 1.25 8.26 -29.51
C LYS A 87 1.32 9.74 -29.95
N ASP A 88 1.22 10.67 -28.99
CA ASP A 88 1.23 12.11 -29.26
C ASP A 88 2.62 12.65 -29.53
N LYS A 89 3.65 11.86 -29.17
CA LYS A 89 5.06 12.37 -29.10
C LYS A 89 5.23 13.58 -28.17
N LYS A 90 4.48 13.62 -27.11
CA LYS A 90 4.54 14.72 -26.19
C LYS A 90 4.15 14.21 -24.80
N ALA A 91 5.07 14.31 -23.88
CA ALA A 91 4.83 14.01 -22.46
C ALA A 91 4.29 15.18 -21.70
N LYS A 92 3.02 15.12 -21.41
CA LYS A 92 2.32 16.26 -20.80
C LYS A 92 2.39 16.16 -19.26
N SER A 93 3.59 16.09 -18.77
CA SER A 93 3.82 16.10 -17.32
C SER A 93 3.64 17.45 -16.66
N THR A 94 3.12 17.40 -15.43
CA THR A 94 2.99 18.59 -14.54
C THR A 94 4.20 18.89 -13.72
N LEU A 95 5.20 18.03 -13.79
CA LEU A 95 6.32 18.17 -12.87
C LEU A 95 6.99 19.48 -13.17
N VAL A 96 7.26 20.22 -12.11
CA VAL A 96 7.90 21.52 -12.20
C VAL A 96 9.33 21.32 -12.80
N ARG A 97 9.81 22.36 -13.53
CA ARG A 97 11.24 22.35 -14.00
C ARG A 97 12.10 23.12 -13.11
N ASN A 98 12.97 22.42 -12.44
CA ASN A 98 13.95 23.06 -11.56
C ASN A 98 15.22 22.25 -11.56
N GLU A 99 16.21 22.66 -10.78
CA GLU A 99 17.54 22.04 -10.88
C GLU A 99 17.48 20.59 -10.44
N GLU A 100 16.53 20.29 -9.57
CA GLU A 100 16.30 18.95 -9.08
C GLU A 100 15.70 18.07 -10.16
N THR A 101 14.85 18.66 -11.01
CA THR A 101 14.13 17.84 -12.01
C THR A 101 14.75 17.95 -13.37
N ALA A 102 15.87 18.62 -13.48
CA ALA A 102 16.46 18.87 -14.80
C ALA A 102 16.79 17.57 -15.51
N LEU A 103 17.28 16.59 -14.77
CA LEU A 103 17.74 15.37 -15.36
C LEU A 103 16.60 14.64 -16.04
N ILE A 104 15.52 14.41 -15.33
CA ILE A 104 14.42 13.68 -15.91
C ILE A 104 13.79 14.46 -17.06
N TRP A 105 13.70 15.78 -16.95
CA TRP A 105 13.14 16.55 -18.02
C TRP A 105 14.04 16.48 -19.29
N LYS A 106 15.33 16.43 -19.08
CA LYS A 106 16.28 16.25 -20.24
C LYS A 106 15.99 14.89 -20.91
N LEU A 107 15.87 13.82 -20.12
CA LEU A 107 15.62 12.49 -20.67
C LEU A 107 14.28 12.51 -21.42
N VAL A 108 13.26 13.16 -20.85
CA VAL A 108 11.94 13.19 -21.47
C VAL A 108 12.01 13.97 -22.83
N ASP A 109 12.66 15.12 -22.81
CA ASP A 109 12.81 15.90 -24.03
C ASP A 109 13.59 15.11 -25.08
N GLU A 110 14.62 14.37 -24.67
CA GLU A 110 15.40 13.54 -25.60
C GLU A 110 14.55 12.38 -26.15
N ALA A 111 13.68 11.77 -25.32
CA ALA A 111 12.83 10.72 -25.81
C ALA A 111 11.82 11.21 -26.83
N GLU A 112 11.27 12.39 -26.58
CA GLU A 112 10.39 13.03 -27.56
C GLU A 112 11.13 13.28 -28.84
N GLU A 113 12.36 13.75 -28.71
CA GLU A 113 13.16 14.02 -29.89
C GLU A 113 13.43 12.75 -30.71
N TRP A 114 13.71 11.61 -30.01
CA TRP A 114 13.81 10.33 -30.69
C TRP A 114 12.57 10.01 -31.47
N LEU A 115 11.42 10.15 -30.80
CA LEU A 115 10.13 9.85 -31.49
C LEU A 115 9.91 10.73 -32.75
N ASN A 116 10.44 11.96 -32.72
CA ASN A 116 10.29 12.88 -33.85
C ASN A 116 11.32 12.72 -34.90
N THR A 117 12.23 11.76 -34.75
CA THR A 117 13.31 11.55 -35.79
C THR A 117 13.39 10.06 -36.25
N HIS A 118 12.50 9.20 -35.71
CA HIS A 118 12.51 7.77 -36.06
C HIS A 118 11.14 7.29 -36.33
N THR A 119 11.06 6.15 -37.05
CA THR A 119 9.80 5.47 -37.32
C THR A 119 9.83 4.13 -36.63
N TYR A 120 8.67 3.61 -36.36
CA TYR A 120 8.55 2.28 -35.83
C TYR A 120 7.12 1.76 -36.17
N GLU A 121 7.03 0.46 -36.28
CA GLU A 121 5.77 -0.24 -36.45
C GLU A 121 5.33 -0.97 -35.20
N THR A 122 6.17 -0.90 -34.14
CA THR A 122 5.94 -1.62 -32.90
C THR A 122 4.54 -1.30 -32.37
N PRO A 123 3.71 -2.30 -32.17
CA PRO A 123 2.48 -2.06 -31.47
C PRO A 123 2.70 -1.80 -29.99
N ILE A 124 2.08 -0.74 -29.47
CA ILE A 124 2.14 -0.42 -28.07
C ILE A 124 0.81 -0.69 -27.45
N LEU A 125 0.79 -1.77 -26.63
CA LEU A 125 -0.41 -2.39 -26.11
C LEU A 125 -0.61 -2.16 -24.65
N LYS A 126 -1.87 -1.95 -24.30
CA LYS A 126 -2.22 -1.80 -22.90
C LYS A 126 -2.21 -3.15 -22.21
N TRP A 127 -1.43 -3.28 -21.14
CA TRP A 127 -1.49 -4.44 -20.31
C TRP A 127 -2.74 -4.37 -19.47
N GLN A 128 -3.57 -5.42 -19.50
CA GLN A 128 -4.87 -5.37 -18.82
C GLN A 128 -4.74 -5.92 -17.40
N THR A 129 -4.31 -5.10 -16.49
CA THR A 129 -3.99 -5.52 -15.13
C THR A 129 -5.19 -6.13 -14.39
N ASP A 130 -6.36 -5.56 -14.66
CA ASP A 130 -7.57 -6.05 -14.05
C ASP A 130 -7.89 -7.46 -14.42
N LYS A 131 -7.56 -7.88 -15.63
CA LYS A 131 -7.81 -9.24 -16.08
C LYS A 131 -6.66 -10.22 -15.79
N TRP A 132 -5.40 -9.71 -15.92
CA TRP A 132 -4.23 -10.55 -16.09
C TRP A 132 -3.29 -10.44 -14.93
N GLY A 133 -3.59 -9.59 -13.99
CA GLY A 133 -2.67 -9.42 -12.86
C GLY A 133 -1.58 -8.42 -13.18
N GLU A 134 -0.63 -8.26 -12.28
CA GLU A 134 0.39 -7.25 -12.49
C GLU A 134 1.23 -7.54 -13.74
N ILE A 135 1.66 -6.47 -14.37
CA ILE A 135 2.56 -6.59 -15.51
C ILE A 135 3.85 -7.24 -15.05
N LYS A 136 4.48 -7.99 -15.95
CA LYS A 136 5.63 -8.81 -15.53
C LYS A 136 6.86 -7.94 -15.18
N ALA A 137 6.88 -6.70 -15.66
CA ALA A 137 7.95 -5.72 -15.33
C ALA A 137 7.65 -4.87 -14.06
N ASP A 138 6.59 -5.26 -13.31
CA ASP A 138 6.20 -4.54 -12.06
C ASP A 138 7.27 -4.72 -11.02
N TYR A 139 7.52 -3.69 -10.21
CA TYR A 139 8.54 -3.84 -9.16
C TYR A 139 7.88 -4.41 -7.85
N GLU B 8 7.70 10.96 26.57
CA GLU B 8 6.34 11.57 26.53
C GLU B 8 5.27 10.45 26.42
N ILE B 9 5.71 9.23 26.67
CA ILE B 9 4.80 8.15 26.96
C ILE B 9 3.97 8.51 28.17
N ILE B 10 2.67 8.36 28.02
CA ILE B 10 1.73 8.46 29.15
C ILE B 10 1.66 7.09 29.84
N TRP B 11 2.42 6.92 30.87
CA TRP B 11 2.59 5.62 31.49
C TRP B 11 1.31 5.14 32.21
N GLU B 12 0.50 6.09 32.69
CA GLU B 12 -0.78 5.79 33.32
C GLU B 12 -1.84 5.58 32.29
N SER B 13 -1.83 4.40 31.67
CA SER B 13 -2.61 4.13 30.45
C SER B 13 -2.83 2.62 30.33
N LEU B 14 -3.73 2.24 29.45
CA LEU B 14 -3.98 0.87 29.01
C LEU B 14 -3.46 0.67 27.60
N SER B 15 -2.62 -0.28 27.36
CA SER B 15 -2.18 -0.60 25.99
C SER B 15 -2.86 -1.85 25.52
N VAL B 16 -3.31 -1.84 24.26
CA VAL B 16 -4.01 -2.97 23.66
C VAL B 16 -3.35 -3.36 22.37
N ASP B 17 -3.45 -4.65 22.04
CA ASP B 17 -2.95 -5.13 20.72
C ASP B 17 -3.60 -6.42 20.37
N VAL B 18 -3.65 -6.68 19.07
CA VAL B 18 -3.99 -7.98 18.50
C VAL B 18 -2.79 -8.92 18.41
N GLY B 19 -3.10 -10.21 18.38
CA GLY B 19 -2.16 -11.27 17.99
C GLY B 19 -2.89 -12.23 17.11
N SER B 20 -2.19 -12.77 16.16
CA SER B 20 -2.79 -13.56 15.15
C SER B 20 -1.93 -14.75 14.78
N GLN B 21 -2.57 -15.71 14.24
CA GLN B 21 -1.90 -16.82 13.58
C GLN B 21 -2.47 -16.93 12.16
N GLY B 22 -1.76 -16.33 11.23
CA GLY B 22 -2.33 -16.02 9.95
C GLY B 22 -3.01 -14.67 9.91
N ASN B 23 -2.99 -14.07 8.76
CA ASN B 23 -3.80 -12.86 8.52
C ASN B 23 -4.37 -12.85 7.11
N PRO B 24 -5.64 -13.24 6.91
CA PRO B 24 -6.57 -13.60 8.00
C PRO B 24 -6.20 -14.90 8.68
N GLY B 25 -6.63 -15.04 9.95
CA GLY B 25 -6.39 -16.26 10.68
C GLY B 25 -6.99 -16.15 12.07
N ILE B 26 -6.44 -16.94 12.98
CA ILE B 26 -6.96 -16.99 14.33
C ILE B 26 -6.53 -15.72 15.07
N VAL B 27 -7.47 -14.95 15.61
CA VAL B 27 -7.17 -13.63 16.19
C VAL B 27 -7.51 -13.63 17.67
N GLU B 28 -6.63 -13.02 18.44
CA GLU B 28 -6.91 -12.72 19.85
C GLU B 28 -6.46 -11.33 20.15
N TYR B 29 -6.74 -10.82 21.33
CA TYR B 29 -6.21 -9.51 21.72
C TYR B 29 -6.11 -9.46 23.20
N LYS B 30 -5.32 -8.51 23.67
CA LYS B 30 -5.17 -8.34 25.10
C LYS B 30 -4.94 -6.89 25.43
N GLY B 31 -5.20 -6.53 26.70
CA GLY B 31 -4.93 -5.23 27.22
C GLY B 31 -4.07 -5.33 28.44
N VAL B 32 -3.09 -4.47 28.53
CA VAL B 32 -2.11 -4.49 29.58
C VAL B 32 -1.91 -3.16 30.18
N ASP B 33 -1.46 -3.15 31.47
CA ASP B 33 -1.05 -1.90 32.10
C ASP B 33 0.27 -1.45 31.47
N THR B 34 0.32 -0.23 30.87
CA THR B 34 1.46 0.21 30.16
C THR B 34 2.74 0.24 31.03
N LYS B 35 2.54 0.61 32.25
CA LYS B 35 3.69 0.68 33.26
C LYS B 35 4.28 -0.69 33.46
N THR B 36 3.44 -1.60 33.91
CA THR B 36 3.93 -2.84 34.50
C THR B 36 3.96 -4.04 33.53
N GLY B 37 3.12 -3.98 32.48
CA GLY B 37 2.87 -5.13 31.59
C GLY B 37 1.88 -6.15 32.17
N GLU B 38 1.26 -5.81 33.26
CA GLU B 38 0.24 -6.71 33.80
C GLU B 38 -0.88 -6.87 32.78
N VAL B 39 -1.30 -8.10 32.59
CA VAL B 39 -2.40 -8.38 31.69
C VAL B 39 -3.68 -8.17 32.38
N LEU B 40 -4.50 -7.27 31.85
CA LEU B 40 -5.77 -6.88 32.44
C LEU B 40 -6.96 -7.59 31.82
N PHE B 41 -6.83 -7.94 30.54
CA PHE B 41 -7.84 -8.75 29.86
C PHE B 41 -7.25 -9.39 28.68
N GLU B 42 -7.82 -10.51 28.31
CA GLU B 42 -7.41 -11.24 27.09
C GLU B 42 -8.58 -11.95 26.52
N ARG B 43 -8.82 -11.76 25.24
CA ARG B 43 -9.91 -12.40 24.54
C ARG B 43 -9.59 -13.78 24.10
N GLU B 44 -10.55 -14.68 24.30
CA GLU B 44 -10.48 -16.02 23.73
C GLU B 44 -10.23 -15.96 22.20
N PRO B 45 -9.36 -16.84 21.70
CA PRO B 45 -9.16 -16.79 20.22
C PRO B 45 -10.43 -16.90 19.43
N ILE B 46 -10.44 -16.15 18.33
CA ILE B 46 -11.54 -16.11 17.38
C ILE B 46 -11.05 -16.77 16.07
N PRO B 47 -11.75 -17.77 15.57
CA PRO B 47 -11.06 -18.64 14.65
C PRO B 47 -10.61 -18.03 13.32
N ILE B 48 -11.36 -17.05 12.79
CA ILE B 48 -10.92 -16.32 11.61
C ILE B 48 -11.28 -14.87 11.71
N GLY B 49 -10.28 -14.02 11.56
CA GLY B 49 -10.43 -12.60 11.50
C GLY B 49 -9.20 -11.96 10.93
N THR B 50 -9.20 -10.64 10.84
CA THR B 50 -8.05 -9.93 10.36
C THR B 50 -7.33 -9.20 11.53
N ASN B 51 -6.11 -8.77 11.24
CA ASN B 51 -5.36 -7.99 12.16
C ASN B 51 -6.10 -6.73 12.57
N ASN B 52 -6.70 -6.05 11.60
CA ASN B 52 -7.32 -4.77 11.91
C ASN B 52 -8.63 -4.91 12.61
N MET B 53 -9.35 -5.97 12.30
CA MET B 53 -10.59 -6.28 13.10
C MET B 53 -10.20 -6.51 14.54
N GLY B 54 -9.16 -7.29 14.79
CA GLY B 54 -8.72 -7.54 16.13
C GLY B 54 -8.27 -6.31 16.88
N GLU B 55 -7.51 -5.47 16.17
CA GLU B 55 -7.08 -4.21 16.74
C GLU B 55 -8.27 -3.35 17.15
N PHE B 56 -9.31 -3.32 16.29
CA PHE B 56 -10.53 -2.56 16.57
C PHE B 56 -11.26 -3.10 17.78
N LEU B 57 -11.47 -4.40 17.83
CA LEU B 57 -12.11 -4.99 18.99
C LEU B 57 -11.36 -4.74 20.25
N ALA B 58 -10.02 -4.77 20.18
CA ALA B 58 -9.22 -4.52 21.39
C ALA B 58 -9.43 -3.12 21.95
N ILE B 59 -9.50 -2.11 21.07
CA ILE B 59 -9.71 -0.77 21.56
C ILE B 59 -11.13 -0.62 22.17
N VAL B 60 -12.16 -1.14 21.47
CA VAL B 60 -13.48 -1.01 21.98
C VAL B 60 -13.61 -1.77 23.30
N HIS B 61 -13.02 -2.95 23.40
CA HIS B 61 -13.04 -3.64 24.68
C HIS B 61 -12.38 -2.78 25.77
N GLY B 62 -11.24 -2.20 25.46
CA GLY B 62 -10.60 -1.29 26.37
C GLY B 62 -11.50 -0.15 26.82
N LEU B 63 -12.24 0.44 25.89
CA LEU B 63 -13.15 1.49 26.29
C LEU B 63 -14.20 1.02 27.26
N ARG B 64 -14.73 -0.18 27.00
CA ARG B 64 -15.76 -0.75 27.86
C ARG B 64 -15.20 -1.11 29.28
N TYR B 65 -14.00 -1.63 29.25
CA TYR B 65 -13.28 -2.02 30.49
C TYR B 65 -13.05 -0.79 31.37
N LEU B 66 -12.54 0.29 30.77
CA LEU B 66 -12.26 1.47 31.53
C LEU B 66 -13.51 2.21 31.98
N LYS B 67 -14.55 2.24 31.16
CA LYS B 67 -15.75 2.84 31.59
C LYS B 67 -16.39 2.14 32.73
N GLU B 68 -16.41 0.81 32.67
CA GLU B 68 -17.01 0.03 33.76
C GLU B 68 -16.30 0.30 35.11
N ARG B 69 -14.98 0.56 35.06
CA ARG B 69 -14.19 0.76 36.24
C ARG B 69 -14.04 2.22 36.60
N ASN B 70 -14.77 3.12 35.91
CA ASN B 70 -14.69 4.56 36.20
C ASN B 70 -13.29 5.05 36.15
N SER B 71 -12.58 4.62 35.11
CA SER B 71 -11.20 5.04 34.88
C SER B 71 -11.12 6.01 33.72
N ARG B 72 -10.33 7.06 33.91
CA ARG B 72 -10.10 8.09 32.91
C ARG B 72 -8.77 7.89 32.17
N LYS B 73 -8.12 6.74 32.35
CA LYS B 73 -6.84 6.49 31.64
C LYS B 73 -7.07 6.50 30.11
N PRO B 74 -6.06 6.94 29.36
CA PRO B 74 -6.06 6.78 27.94
C PRO B 74 -5.73 5.36 27.51
N ILE B 75 -6.08 5.05 26.27
CA ILE B 75 -5.72 3.79 25.62
C ILE B 75 -4.70 4.03 24.53
N TYR B 76 -3.64 3.27 24.56
CA TYR B 76 -2.67 3.20 23.42
C TYR B 76 -2.98 2.01 22.53
N SER B 77 -2.95 2.27 21.21
CA SER B 77 -3.01 1.27 20.16
C SER B 77 -1.94 1.62 19.16
N ASN B 78 -1.32 0.59 18.57
CA ASN B 78 -0.39 0.83 17.49
C ASN B 78 -1.05 0.94 16.14
N SER B 79 -2.37 0.86 16.07
CA SER B 79 -3.04 0.68 14.80
C SER B 79 -3.68 2.00 14.29
N GLN B 80 -3.06 2.65 13.31
CA GLN B 80 -3.69 3.81 12.66
C GLN B 80 -5.08 3.46 12.14
N THR B 81 -5.21 2.24 11.55
CA THR B 81 -6.46 1.84 11.01
C THR B 81 -7.50 1.78 12.06
N ALA B 82 -7.23 1.02 13.14
CA ALA B 82 -8.24 0.78 14.12
C ALA B 82 -8.63 2.03 14.89
N ILE B 83 -7.67 2.93 15.11
CA ILE B 83 -7.98 4.19 15.76
C ILE B 83 -8.96 4.97 14.91
N LYS B 84 -8.75 4.97 13.58
CA LYS B 84 -9.70 5.67 12.69
C LYS B 84 -11.05 5.00 12.72
N TRP B 85 -11.08 3.68 12.67
CA TRP B 85 -12.36 2.95 12.69
C TRP B 85 -13.13 3.30 13.96
N VAL B 86 -12.49 3.33 15.11
CA VAL B 86 -13.20 3.67 16.33
C VAL B 86 -13.72 5.12 16.32
N LYS B 87 -12.91 6.02 15.81
CA LYS B 87 -13.33 7.46 15.70
C LYS B 87 -14.59 7.54 14.79
N ASP B 88 -14.60 6.74 13.71
CA ASP B 88 -15.71 6.78 12.74
C ASP B 88 -16.93 5.98 13.22
N LYS B 89 -16.72 5.17 14.25
CA LYS B 89 -17.69 4.13 14.67
C LYS B 89 -18.06 3.18 13.54
N LYS B 90 -17.10 2.89 12.70
CA LYS B 90 -17.34 2.01 11.56
C LYS B 90 -16.03 1.30 11.20
N ALA B 91 -16.03 0.01 11.34
CA ALA B 91 -14.92 -0.86 10.90
C ALA B 91 -14.99 -1.24 9.45
N LYS B 92 -14.15 -0.62 8.66
CA LYS B 92 -14.23 -0.75 7.22
C LYS B 92 -13.34 -1.91 6.73
N SER B 93 -13.58 -3.06 7.28
CA SER B 93 -12.90 -4.28 6.87
C SER B 93 -13.34 -4.84 5.54
N THR B 94 -12.36 -5.39 4.83
CA THR B 94 -12.56 -6.12 3.56
C THR B 94 -12.90 -7.59 3.73
N LEU B 95 -12.90 -8.08 4.94
CA LEU B 95 -13.00 -9.51 5.13
C LEU B 95 -14.37 -9.91 4.63
N VAL B 96 -14.37 -10.94 3.82
CA VAL B 96 -15.61 -11.56 3.35
C VAL B 96 -16.51 -12.02 4.52
N ARG B 97 -17.84 -11.89 4.32
CA ARG B 97 -18.86 -12.52 5.26
C ARG B 97 -19.29 -13.85 4.84
N ASN B 98 -18.89 -14.83 5.57
CA ASN B 98 -19.30 -16.21 5.30
C ASN B 98 -19.39 -16.92 6.60
N GLU B 99 -19.73 -18.21 6.56
CA GLU B 99 -20.03 -18.92 7.80
C GLU B 99 -18.80 -18.96 8.68
N GLU B 100 -17.64 -18.93 8.04
CA GLU B 100 -16.37 -19.01 8.72
C GLU B 100 -16.05 -17.72 9.44
N THR B 101 -16.51 -16.60 8.89
CA THR B 101 -16.18 -15.29 9.44
C THR B 101 -17.31 -14.69 10.22
N ALA B 102 -18.37 -15.42 10.38
CA ALA B 102 -19.58 -14.87 11.03
C ALA B 102 -19.28 -14.42 12.42
N LEU B 103 -18.47 -15.17 13.15
CA LEU B 103 -18.24 -14.84 14.55
C LEU B 103 -17.55 -13.49 14.71
N ILE B 104 -16.46 -13.29 13.98
CA ILE B 104 -15.75 -12.00 14.09
C ILE B 104 -16.63 -10.85 13.59
N TRP B 105 -17.41 -11.05 12.55
CA TRP B 105 -18.22 -9.99 12.05
C TRP B 105 -19.36 -9.65 13.06
N LYS B 106 -19.82 -10.63 13.79
CA LYS B 106 -20.83 -10.37 14.85
C LYS B 106 -20.17 -9.52 15.95
N LEU B 107 -18.95 -9.88 16.37
CA LEU B 107 -18.27 -9.11 17.41
C LEU B 107 -18.06 -7.65 16.93
N VAL B 108 -17.65 -7.49 15.68
CA VAL B 108 -17.36 -6.18 15.15
C VAL B 108 -18.66 -5.33 15.09
N ASP B 109 -19.72 -5.94 14.62
CA ASP B 109 -21.02 -5.25 14.55
C ASP B 109 -21.47 -4.85 15.97
N GLU B 110 -21.28 -5.74 16.94
CA GLU B 110 -21.66 -5.44 18.33
C GLU B 110 -20.79 -4.33 18.92
N ALA B 111 -19.48 -4.29 18.58
CA ALA B 111 -18.63 -3.25 19.07
C ALA B 111 -19.06 -1.89 18.51
N GLU B 112 -19.39 -1.86 17.21
CA GLU B 112 -19.94 -0.66 16.60
C GLU B 112 -21.20 -0.22 17.31
N GLU B 113 -22.06 -1.19 17.60
CA GLU B 113 -23.27 -0.89 18.31
C GLU B 113 -23.01 -0.30 19.69
N TRP B 114 -22.03 -0.84 20.43
CA TRP B 114 -21.64 -0.20 21.67
C TRP B 114 -21.25 1.25 21.48
N LEU B 115 -20.39 1.49 20.50
CA LEU B 115 -19.93 2.87 20.24
C LEU B 115 -21.12 3.81 19.96
N ASN B 116 -22.16 3.28 19.31
CA ASN B 116 -23.34 4.10 18.95
C ASN B 116 -24.38 4.20 20.05
N THR B 117 -24.09 3.67 21.23
CA THR B 117 -25.04 3.73 22.38
C THR B 117 -24.37 4.22 23.68
N HIS B 118 -23.08 4.55 23.61
CA HIS B 118 -22.30 4.97 24.82
C HIS B 118 -21.44 6.14 24.49
N THR B 119 -21.10 6.90 25.53
CA THR B 119 -20.18 7.98 25.44
C THR B 119 -18.92 7.65 26.23
N TYR B 120 -17.84 8.29 25.84
CA TYR B 120 -16.58 8.13 26.56
C TYR B 120 -15.74 9.39 26.28
N GLU B 121 -14.92 9.72 27.24
CA GLU B 121 -13.92 10.79 27.10
C GLU B 121 -12.54 10.22 26.93
N THR B 122 -12.40 8.88 26.96
CA THR B 122 -11.11 8.23 26.88
C THR B 122 -10.30 8.70 25.66
N PRO B 123 -9.11 9.24 25.89
CA PRO B 123 -8.24 9.53 24.75
C PRO B 123 -7.68 8.26 24.16
N ILE B 124 -7.80 8.12 22.82
CA ILE B 124 -7.27 6.99 22.12
C ILE B 124 -6.05 7.43 21.31
N LEU B 125 -4.88 7.02 21.81
CA LEU B 125 -3.56 7.51 21.41
C LEU B 125 -2.81 6.52 20.57
N LYS B 126 -2.11 7.04 19.60
CA LYS B 126 -1.24 6.21 18.78
C LYS B 126 0.04 5.89 19.49
N TRP B 127 0.32 4.60 19.67
CA TRP B 127 1.59 4.18 20.21
C TRP B 127 2.65 4.37 19.13
N GLN B 128 3.70 5.11 19.43
CA GLN B 128 4.74 5.45 18.43
C GLN B 128 5.82 4.39 18.42
N THR B 129 5.57 3.32 17.71
CA THR B 129 6.47 2.14 17.69
C THR B 129 7.88 2.49 17.19
N ASP B 130 7.94 3.38 16.20
CA ASP B 130 9.24 3.78 15.67
C ASP B 130 10.10 4.45 16.69
N LYS B 131 9.51 5.17 17.61
CA LYS B 131 10.27 5.84 18.66
C LYS B 131 10.49 5.00 19.91
N TRP B 132 9.43 4.23 20.30
CA TRP B 132 9.33 3.67 21.65
C TRP B 132 9.47 2.18 21.67
N GLY B 133 9.60 1.59 20.50
CA GLY B 133 9.65 0.11 20.45
C GLY B 133 8.27 -0.50 20.47
N GLU B 134 8.20 -1.83 20.57
CA GLU B 134 6.93 -2.49 20.46
C GLU B 134 5.98 -2.07 21.60
N ILE B 135 4.71 -1.99 21.26
CA ILE B 135 3.69 -1.77 22.26
C ILE B 135 3.71 -2.87 23.30
N LYS B 136 3.42 -2.51 24.55
CA LYS B 136 3.57 -3.47 25.67
C LYS B 136 2.59 -4.64 25.60
N ALA B 137 1.52 -4.48 24.85
CA ALA B 137 0.54 -5.58 24.59
C ALA B 137 0.87 -6.44 23.38
N ASP B 138 2.05 -6.22 22.76
CA ASP B 138 2.45 -6.98 21.55
C ASP B 138 2.62 -8.43 21.88
N TYR B 139 2.28 -9.31 20.96
CA TYR B 139 2.44 -10.75 21.22
C TYR B 139 3.86 -11.28 20.97
N GLY B 140 4.53 -10.74 19.99
CA GLY B 140 5.99 -11.04 19.77
C GLY B 140 6.25 -12.52 19.57
F GF2 C 1 -18.11 10.29 -11.31
F GF2 C 1 -13.56 31.02 -24.37
F GF2 C 1 -15.28 5.15 -13.94
N1 GF2 C 1 -13.05 12.41 -14.53
N1 GF2 C 1 -19.27 29.84 -21.89
N1 GF2 C 1 -10.68 9.61 -14.93
C2 GF2 C 1 -14.16 11.66 -14.51
C2 GF2 C 1 -18.20 30.64 -21.94
C2 GF2 C 1 -11.52 8.76 -15.61
N2 GF2 C 1 -14.40 10.83 -15.58
N2 GF2 C 1 -18.13 31.67 -21.07
N2 GF2 C 1 -11.22 8.47 -16.90
N3 GF2 C 1 -15.00 11.68 -13.47
N3 GF2 C 1 -17.22 30.49 -22.85
N3 GF2 C 1 -12.62 8.20 -15.00
C4 GF2 C 1 -14.74 12.47 -12.39
C4 GF2 C 1 -17.24 29.40 -23.67
C4 GF2 C 1 -12.90 8.52 -13.70
C5 GF2 C 1 -13.57 13.29 -12.38
C5 GF2 C 1 -18.36 28.49 -23.63
C5 GF2 C 1 -12.04 9.44 -12.99
C6 GF2 C 1 -12.73 13.25 -13.56
C6 GF2 C 1 -19.41 28.79 -22.69
C6 GF2 C 1 -10.87 9.96 -13.67
O6 GF2 C 1 -11.68 13.90 -13.62
O6 GF2 C 1 -20.39 28.02 -22.55
O6 GF2 C 1 -10.11 10.80 -13.10
N7 GF2 C 1 -13.59 14.03 -11.24
N7 GF2 C 1 -18.18 27.56 -24.59
N7 GF2 C 1 -12.54 9.57 -11.76
C8 GF2 C 1 -14.72 13.68 -10.59
C8 GF2 C 1 -16.99 27.85 -25.19
C8 GF2 C 1 -13.65 8.79 -11.66
N9 GF2 C 1 -15.39 12.72 -11.30
N9 GF2 C 1 -16.44 28.97 -24.62
N9 GF2 C 1 -13.89 8.18 -12.83
C1' GF2 C 1 -16.74 12.18 -11.00
C1' GF2 C 1 -15.25 29.69 -25.07
C1' GF2 C 1 -15.05 7.29 -13.11
C2' GF2 C 1 -16.82 10.66 -10.87
C2' GF2 C 1 -14.14 29.83 -24.08
C2' GF2 C 1 -14.59 5.86 -13.03
C3' GF2 C 1 -16.67 10.44 -9.41
C3' GF2 C 1 -13.18 28.70 -24.38
C3' GF2 C 1 -14.95 5.44 -11.62
O3' GF2 C 1 -17.25 9.21 -8.95
O3' GF2 C 1 -11.82 28.97 -23.95
O3' GF2 C 1 -15.03 4.05 -11.47
C4' GF2 C 1 -17.37 11.64 -8.81
C4' GF2 C 1 -13.32 28.62 -25.90
C4' GF2 C 1 -16.23 6.18 -11.37
O4' GF2 C 1 -17.20 12.72 -9.73
O4' GF2 C 1 -14.69 29.02 -26.19
O4' GF2 C 1 -16.05 7.43 -12.06
C5' GF2 C 1 -16.78 12.02 -7.46
C5' GF2 C 1 -13.08 27.24 -26.41
C5' GF2 C 1 -16.49 6.33 -9.86
O5' GF2 C 1 -15.38 12.25 -7.58
O5' GF2 C 1 -13.96 26.36 -25.76
O5' GF2 C 1 -16.00 7.59 -9.38
F AF2 C 2 -15.37 5.64 -14.84
F AF2 C 2 -12.77 32.06 -17.71
F AF2 C 2 -9.97 2.98 -16.20
P AF2 C 2 -16.32 7.91 -8.63
P AF2 C 2 -11.19 28.14 -22.65
P AF2 C 2 -13.77 3.23 -10.84
N1 AF2 C 2 -10.38 9.94 -14.48
N1 AF2 C 2 -18.49 28.81 -18.53
N1 AF2 C 2 -7.40 8.68 -13.58
C2 AF2 C 2 -11.11 9.17 -15.32
C2 AF2 C 2 -17.98 29.99 -18.03
C2 AF2 C 2 -7.56 8.05 -14.75
N3 AF2 C 2 -12.25 8.58 -14.95
N3 AF2 C 2 -16.77 30.45 -18.37
N3 AF2 C 2 -8.41 7.02 -14.92
C4 AF2 C 2 -12.72 8.79 -13.69
C4 AF2 C 2 -16.00 29.76 -19.25
C4 AF2 C 2 -9.23 6.62 -13.95
C5 AF2 C 2 -11.98 9.62 -12.75
C5 AF2 C 2 -16.48 28.55 -19.85
C5 AF2 C 2 -9.17 7.28 -12.68
C6 AF2 C 2 -10.72 10.18 -13.21
C6 AF2 C 2 -17.80 28.04 -19.40
C6 AF2 C 2 -8.18 8.36 -12.51
N6 AF2 C 2 -10.00 11.04 -12.47
N6 AF2 C 2 -18.35 26.93 -19.89
N6 AF2 C 2 -8.08 9.06 -11.36
N7 AF2 C 2 -12.68 9.65 -11.61
N7 AF2 C 2 -15.52 28.16 -20.72
N7 AF2 C 2 -10.11 6.71 -11.90
C8 AF2 C 2 -13.80 8.85 -11.81
C8 AF2 C 2 -14.50 29.04 -20.65
C8 AF2 C 2 -10.72 5.74 -12.63
N9 AF2 C 2 -13.82 8.39 -13.07
N9 AF2 C 2 -14.85 30.05 -19.82
N9 AF2 C 2 -10.19 5.70 -13.86
C1' AF2 C 2 -14.91 7.64 -13.76
C1' AF2 C 2 -14.04 31.24 -19.47
C1' AF2 C 2 -10.61 4.80 -14.96
OP2 AF2 C 2 -15.02 8.40 -8.11
OP2 AF2 C 2 -11.92 26.83 -22.52
OP2 AF2 C 2 -13.18 4.04 -9.73
C2' AF2 C 2 -14.64 6.17 -13.78
C2' AF2 C 2 -13.17 30.89 -18.30
C2' AF2 C 2 -9.80 3.57 -14.98
OP1 AF2 C 2 -17.10 7.01 -7.71
OP1 AF2 C 2 -9.69 28.14 -22.80
OP1 AF2 C 2 -14.19 1.76 -10.66
C3' AF2 C 2 -15.17 5.70 -12.46
C3' AF2 C 2 -11.99 30.19 -18.90
C3' AF2 C 2 -10.44 2.71 -13.96
O3' AF2 C 2 -15.47 4.34 -12.48
O3' AF2 C 2 -10.89 30.15 -17.97
O3' AF2 C 2 -10.05 1.36 -14.13
C4' AF2 C 2 -16.45 6.55 -12.35
C4' AF2 C 2 -11.78 31.08 -20.15
C4' AF2 C 2 -11.90 2.93 -14.33
O4' AF2 C 2 -16.13 7.80 -13.02
O4' AF2 C 2 -13.10 31.54 -20.53
O4' AF2 C 2 -11.94 4.33 -14.71
C5' AF2 C 2 -17.01 6.83 -10.96
C5' AF2 C 2 -11.14 30.39 -21.33
C5' AF2 C 2 -12.93 2.59 -13.27
O5' AF2 C 2 -16.04 7.35 -10.13
O5' AF2 C 2 -11.58 29.04 -21.41
O5' AF2 C 2 -12.66 3.23 -12.05
P CFZ C 3 -14.48 3.26 -11.75
P CFZ C 3 -10.69 28.88 -16.92
P CFZ C 3 -8.84 0.75 -13.26
N1 CFZ C 3 -10.37 5.89 -13.88
N1 CFZ C 3 -15.85 28.40 -15.68
N1 CFZ C 3 -5.62 4.55 -14.20
C2 CFZ C 3 -9.21 6.61 -13.99
C2 CFZ C 3 -17.06 27.71 -15.66
C2 CFZ C 3 -4.79 5.59 -13.93
O2 CFZ C 3 -8.66 6.56 -15.11
O2 CFZ C 3 -17.99 28.13 -14.93
O2 CFZ C 3 -3.96 5.94 -14.79
N3 CFZ C 3 -8.80 7.41 -13.00
N3 CFZ C 3 -17.18 26.59 -16.39
N3 CFZ C 3 -4.76 6.12 -12.72
C4 CFZ C 3 -9.45 7.46 -11.85
C4 CFZ C 3 -16.20 26.16 -17.20
C4 CFZ C 3 -5.62 5.75 -11.79
N4 CFZ C 3 -9.01 8.24 -10.85
N4 CFZ C 3 -16.35 25.01 -17.89
N4 CFZ C 3 -5.59 6.41 -10.63
C5 CFZ C 3 -10.54 6.63 -11.65
C5 CFZ C 3 -14.99 26.82 -17.21
C5 CFZ C 3 -6.50 4.73 -12.03
C6 CFZ C 3 -11.04 5.88 -12.72
C6 CFZ C 3 -14.85 27.98 -16.47
C6 CFZ C 3 -6.50 4.12 -13.26
C1' CFZ C 3 -10.79 5.16 -15.05
C1' CFZ C 3 -15.71 29.65 -14.94
C1' CFZ C 3 -5.56 3.99 -15.57
O1P CFZ C 3 -13.96 3.89 -10.49
O1P CFZ C 3 -10.89 27.59 -17.68
O1P CFZ C 3 -8.75 1.47 -11.95
C2' CFZ C 3 -9.98 3.92 -15.26
C2' CFZ C 3 -15.34 29.39 -13.51
C2' CFZ C 3 -4.47 2.93 -15.65
F2' CFZ C 3 -9.98 3.64 -16.62
F2' CFZ C 3 -15.75 30.48 -12.75
F2' CFZ C 3 -3.93 2.90 -16.93
O2P CFZ C 3 -15.21 1.97 -11.70
O2P CFZ C 3 -9.48 29.17 -16.07
O2P CFZ C 3 -8.94 -0.74 -13.36
C3' CFZ C 3 -10.75 2.85 -14.57
C3' CFZ C 3 -13.86 29.31 -13.54
C3' CFZ C 3 -5.26 1.70 -15.34
O3' CFZ C 3 -10.47 1.54 -15.04
O3' CFZ C 3 -13.23 29.63 -12.30
O3' CFZ C 3 -4.66 0.51 -15.80
C4' CFZ C 3 -12.17 3.29 -14.96
C4' CFZ C 3 -13.51 30.38 -14.55
C4' CFZ C 3 -6.56 1.95 -16.04
O4' CFZ C 3 -12.12 4.72 -14.91
O4' CFZ C 3 -14.61 30.38 -15.49
O4' CFZ C 3 -6.79 3.32 -15.88
C5' CFZ C 3 -13.33 2.77 -14.12
C5' CFZ C 3 -12.14 30.23 -15.21
C5' CFZ C 3 -7.67 1.15 -15.47
O5' CFZ C 3 -13.21 3.17 -12.77
O5' CFZ C 3 -11.97 29.03 -15.90
O5' CFZ C 3 -7.56 1.17 -14.06
F AF2 C 4 -3.86 3.11 -17.13
F AF2 C 4 -18.91 26.42 -8.89
F AF2 C 4 1.12 4.09 -13.23
P AF2 C 4 -9.33 0.64 -14.35
P AF2 C 4 -13.05 28.49 -11.18
P AF2 C 4 -3.72 -0.31 -14.84
N1 AF2 C 4 -3.87 7.49 -12.05
N1 AF2 C 4 -19.14 22.41 -14.01
N1 AF2 C 4 -1.88 6.10 -8.05
C2 AF2 C 4 -3.31 7.19 -13.23
C2 AF2 C 4 -19.87 22.96 -13.01
C2 AF2 C 4 -0.78 6.16 -8.86
N3 AF2 C 4 -3.86 6.32 -14.11
N3 AF2 C 4 -19.44 24.06 -12.32
N3 AF2 C 4 -0.77 5.63 -10.12
C4 AF2 C 4 -4.97 5.62 -13.75
C4 AF2 C 4 -18.22 24.60 -12.63
C4 AF2 C 4 -1.85 4.96 -10.57
C5 AF2 C 4 -5.58 5.85 -12.48
C5 AF2 C 4 -17.36 23.98 -13.62
C5 AF2 C 4 -3.06 4.93 -9.77
C6 AF2 C 4 -4.99 6.90 -11.62
C6 AF2 C 4 -17.88 22.85 -14.32
C6 AF2 C 4 -3.01 5.49 -8.43
N6 AF2 C 4 -5.48 7.24 -10.43
N6 AF2 C 4 -17.16 22.29 -15.29
N6 AF2 C 4 -4.10 5.46 -7.63
N7 AF2 C 4 -6.57 4.99 -12.34
N7 AF2 C 4 -16.21 24.69 -13.68
N7 AF2 C 4 -3.97 4.21 -10.48
C8 AF2 C 4 -6.67 4.29 -13.50
C8 AF2 C 4 -16.32 25.68 -12.75
C8 AF2 C 4 -3.40 3.92 -11.69
N9 AF2 C 4 -5.63 4.65 -14.32
N9 AF2 C 4 -17.55 25.60 -12.14
N9 AF2 C 4 -2.15 4.44 -11.74
C1' AF2 C 4 -5.39 4.17 -15.74
C1' AF2 C 4 -18.13 26.52 -11.12
C1' AF2 C 4 -1.16 4.27 -12.83
OP2 AF2 C 4 -9.51 0.75 -12.85
OP2 AF2 C 4 -12.18 27.39 -11.72
OP2 AF2 C 4 -4.38 -0.40 -13.48
C2' AF2 C 4 -4.34 3.09 -15.83
C2' AF2 C 4 -17.87 25.99 -9.73
C2' AF2 C 4 0.14 3.69 -12.32
OP1 AF2 C 4 -9.38 -0.69 -14.99
OP1 AF2 C 4 -12.65 29.18 -9.91
OP1 AF2 C 4 -3.28 -1.51 -15.59
C3' AF2 C 4 -5.14 1.86 -15.60
C3' AF2 C 4 -16.58 26.67 -9.41
C3' AF2 C 4 -0.05 2.21 -12.41
O3' AF2 C 4 -4.49 0.64 -16.02
O3' AF2 C 4 -16.33 26.81 -8.04
O3' AF2 C 4 1.20 1.55 -12.64
C4' AF2 C 4 -6.36 2.19 -16.48
C4' AF2 C 4 -16.78 28.04 -10.00
C4' AF2 C 4 -0.93 2.04 -13.60
O4' AF2 C 4 -6.56 3.60 -16.28
O4' AF2 C 4 -17.50 27.80 -11.21
O4' AF2 C 4 -1.63 3.31 -13.78
C5' AF2 C 4 -7.65 1.39 -16.18
C5' AF2 C 4 -15.48 28.77 -10.20
C5' AF2 C 4 -1.88 0.89 -13.43
O5' AF2 C 4 -7.98 1.40 -14.79
O5' AF2 C 4 -14.58 27.98 -10.94
O5' AF2 C 4 -2.48 0.65 -14.70
P CFZ C 5 -3.73 -0.26 -14.95
P CFZ C 5 -15.78 25.59 -7.23
P CFZ C 5 1.84 0.63 -11.51
N1 CFZ C 5 -1.76 4.29 -11.07
N1 CFZ C 5 -17.69 21.06 -10.88
N1 CFZ C 5 1.71 4.62 -8.02
C2 CFZ C 5 -1.39 5.35 -10.26
C2 CFZ C 5 -18.06 20.00 -11.74
C2 CFZ C 5 1.07 5.51 -7.16
O2 CFZ C 5 -0.38 6.05 -10.52
O2 CFZ C 5 -19.16 19.49 -11.60
O2 CFZ C 5 1.53 6.67 -7.10
N3 CFZ C 5 -2.12 5.60 -9.18
N3 CFZ C 5 -17.23 19.63 -12.73
N3 CFZ C 5 -0.03 5.13 -6.48
C4 CFZ C 5 -3.22 4.84 -8.85
C4 CFZ C 5 -16.02 20.20 -12.87
C4 CFZ C 5 -0.54 3.86 -6.64
N4 CFZ C 5 -3.84 5.10 -7.72
N4 CFZ C 5 -15.23 19.73 -13.82
N4 CFZ C 5 -1.64 3.43 -5.92
C5 CFZ C 5 -3.64 3.82 -9.69
C5 CFZ C 5 -15.62 21.25 -12.00
C5 CFZ C 5 0.10 2.99 -7.54
C6 CFZ C 5 -2.90 3.57 -10.82
C6 CFZ C 5 -16.51 21.68 -11.03
C6 CFZ C 5 1.26 3.38 -8.20
C1' CFZ C 5 -1.04 4.15 -12.35
C1' CFZ C 5 -18.67 21.46 -9.84
C1' CFZ C 5 2.91 5.05 -8.74
O1P CFZ C 5 -4.75 -0.72 -13.91
O1P CFZ C 5 -14.44 25.12 -7.84
O1P CFZ C 5 0.72 0.01 -10.75
C2' CFZ C 5 0.23 3.42 -12.10
C2' CFZ C 5 -18.65 20.42 -8.75
C2' CFZ C 5 4.14 4.57 -7.98
F2' CFZ C 5 1.18 3.83 -13.07
F2' CFZ C 5 -19.87 20.41 -8.07
F2' CFZ C 5 5.25 5.35 -8.24
O2P CFZ C 5 -2.99 -1.31 -15.70
O2P CFZ C 5 -15.82 25.97 -5.80
O2P CFZ C 5 2.88 -0.22 -12.16
C3' CFZ C 5 -0.11 2.02 -12.45
C3' CFZ C 5 -17.61 20.89 -7.82
C3' CFZ C 5 4.38 3.22 -8.58
O3' CFZ C 5 1.06 1.29 -12.70
O3' CFZ C 5 -17.88 20.55 -6.50
O3' CFZ C 5 5.70 2.78 -8.43
C4' CFZ C 5 -0.81 2.31 -13.74
C4' CFZ C 5 -17.74 22.36 -7.89
C4' CFZ C 5 4.06 3.50 -10.02
O4' CFZ C 5 -1.73 3.36 -13.35
O4' CFZ C 5 -18.25 22.68 -9.22
O4' CFZ C 5 2.92 4.38 -9.98
C5' CFZ C 5 -1.38 1.11 -14.49
C5' CFZ C 5 -16.45 23.08 -7.54
C5' CFZ C 5 3.78 2.27 -10.86
O5' CFZ C 5 -2.75 0.82 -14.21
O5' CFZ C 5 -16.80 24.46 -7.56
O5' CFZ C 5 2.52 1.71 -10.53
P CFZ C 6 1.86 0.56 -11.52
P CFZ C 6 -17.21 19.28 -5.84
P CFZ C 6 6.22 2.34 -6.99
N1 CFZ C 6 1.67 4.74 -8.01
N1 CFZ C 6 -17.81 16.53 -10.40
N1 CFZ C 6 3.37 5.40 -3.24
C2 CFZ C 6 1.40 5.57 -6.92
C2 CFZ C 6 -17.53 16.03 -11.67
C2 CFZ C 6 2.53 5.71 -2.19
O2 CFZ C 6 2.21 6.48 -6.63
O2 CFZ C 6 -18.42 15.36 -12.25
O2 CFZ C 6 2.73 6.76 -1.54
N3 CFZ C 6 0.37 5.31 -6.13
N3 CFZ C 6 -16.32 16.28 -12.24
N3 CFZ C 6 1.44 4.98 -1.99
C4 CFZ C 6 -0.51 4.32 -6.44
C4 CFZ C 6 -15.41 17.05 -11.57
C4 CFZ C 6 1.25 3.83 -2.65
N4 CFZ C 6 -1.61 4.21 -5.67
N4 CFZ C 6 -14.17 17.32 -12.13
N4 CFZ C 6 0.14 3.13 -2.42
C5 CFZ C 6 -0.22 3.43 -7.51
C5 CFZ C 6 -15.72 17.56 -10.29
C5 CFZ C 6 2.07 3.51 -3.72
C6 CFZ C 6 0.89 3.66 -8.29
C6 CFZ C 6 -16.92 17.27 -9.71
C6 CFZ C 6 3.19 4.29 -3.96
C1' CFZ C 6 2.77 5.16 -8.88
C1' CFZ C 6 -19.16 16.33 -9.89
C1' CFZ C 6 4.45 6.32 -3.52
O1P CFZ C 6 0.88 -0.09 -10.62
O1P CFZ C 6 -15.74 19.24 -6.20
O1P CFZ C 6 5.18 1.40 -6.40
C2' CFZ C 6 4.09 4.76 -8.31
C2' CFZ C 6 -19.24 15.06 -9.11
C2' CFZ C 6 5.59 6.10 -2.54
F2' CFZ C 6 5.09 5.63 -8.77
F2' CFZ C 6 -20.59 14.70 -9.13
F2' CFZ C 6 6.42 7.18 -2.53
O2P CFZ C 6 2.94 -0.22 -12.19
O2P CFZ C 6 -17.66 19.24 -4.43
O2P CFZ C 6 7.63 1.86 -7.11
C3' CFZ C 6 4.22 3.35 -8.91
C3' CFZ C 6 -18.72 15.52 -7.73
C3' CFZ C 6 6.32 4.97 -3.12
O3' CFZ C 6 5.47 2.66 -8.84
O3' CFZ C 6 -18.90 14.71 -6.50
O3' CFZ C 6 7.71 5.05 -2.94
C4' CFZ C 6 3.83 3.69 -10.33
C4' CFZ C 6 -19.57 16.80 -7.66
C4' CFZ C 6 6.00 5.09 -4.61
O4' CFZ C 6 2.66 4.52 -10.14
O4' CFZ C 6 -19.47 17.37 -8.98
O4' CFZ C 6 4.94 6.02 -4.81
C5' CFZ C 6 3.51 2.54 -11.25
C5' CFZ C 6 -19.18 17.83 -6.62
C5' CFZ C 6 5.53 3.78 -5.09
O5' CFZ C 6 2.50 1.77 -10.70
O5' CFZ C 6 -17.82 18.05 -6.68
O5' CFZ C 6 6.22 3.66 -6.21
P UFT C 7 5.89 1.90 -7.52
P UFT C 7 -17.82 13.60 -6.07
P UFT C 7 8.43 4.29 -1.71
OP1 UFT C 7 7.27 1.34 -7.77
OP1 UFT C 7 -18.10 13.23 -4.63
OP1 UFT C 7 9.88 4.61 -1.73
OP2 UFT C 7 4.82 0.91 -7.17
OP2 UFT C 7 -16.42 14.11 -6.48
OP2 UFT C 7 7.98 2.84 -1.71
O5' UFT C 7 5.67 3.01 -6.43
O5' UFT C 7 -18.21 12.42 -7.01
O5' UFT C 7 7.83 5.01 -0.40
N1 UFT C 7 2.93 4.94 -3.53
N1 UFT C 7 -16.15 12.14 -11.55
N1 UFT C 7 3.24 5.56 1.36
C6 UFT C 7 2.64 3.84 -4.21
C6 UFT C 7 -15.69 13.05 -10.73
C6 UFT C 7 3.77 4.57 0.65
C2 UFT C 7 2.13 5.35 -2.46
C2 UFT C 7 -15.43 11.75 -12.69
C2 UFT C 7 2.01 5.27 2.09
O2 UFT C 7 2.46 6.36 -1.77
O2 UFT C 7 -15.90 10.85 -13.43
O2 UFT C 7 1.46 6.11 2.84
N3 UFT C 7 1.01 4.68 -2.18
N3 UFT C 7 -14.30 12.39 -12.98
N3 UFT C 7 1.35 4.13 1.88
C4 UFT C 7 0.69 3.59 -2.85
C4 UFT C 7 -13.77 13.25 -12.10
C4 UFT C 7 1.86 3.18 1.11
O4 UFT C 7 -0.42 3.09 -2.66
O4 UFT C 7 -12.80 13.89 -12.40
O4 UFT C 7 1.25 2.11 1.00
C5 UFT C 7 1.46 3.16 -3.93
C5 UFT C 7 -14.49 13.64 -10.99
C5 UFT C 7 3.08 3.39 0.46
F2' UFT C 7 5.82 7.00 -3.06
F2' UFT C 7 -18.58 9.56 -11.71
F2' UFT C 7 5.59 7.83 3.20
C2' UFT C 7 5.15 5.78 -2.89
C2' UFT C 7 -17.40 10.08 -11.18
C2' UFT C 7 5.01 6.62 2.77
C5' UFT C 7 6.15 3.08 -5.16
C5' UFT C 7 -17.26 11.63 -7.74
C5' UFT C 7 6.44 5.18 -0.24
C4' UFT C 7 5.99 4.53 -4.73
C4' UFT C 7 -17.92 11.12 -9.04
C4' UFT C 7 6.19 6.29 0.74
O4' UFT C 7 4.70 5.15 -5.08
O4' UFT C 7 -17.92 12.11 -10.05
O4' UFT C 7 4.92 6.95 0.44
C1' UFT C 7 4.09 5.75 -3.93
C1' UFT C 7 -17.46 11.58 -11.32
C1' UFT C 7 4.06 6.79 1.58
C3' UFT C 7 6.00 4.57 -3.24
C3' UFT C 7 -17.26 9.88 -9.68
C3' UFT C 7 6.12 5.80 2.21
O3' UFT C 7 7.31 4.61 -2.84
O3' UFT C 7 -17.92 8.72 -9.22
O3' UFT C 7 7.35 6.00 2.96
F GF2 C 8 5.12 7.77 2.95
F GF2 C 8 -15.43 4.91 -14.51
F GF2 C 8 2.44 5.88 8.11
P GF2 C 8 7.75 3.86 -1.51
P GF2 C 8 -17.05 7.48 -8.64
P GF2 C 8 7.78 4.96 4.17
N1 GF2 C 8 0.15 3.78 2.45
N1 GF2 C 8 -10.76 9.54 -14.22
N1 GF2 C 8 -0.06 0.98 4.70
C2 GF2 C 8 0.72 4.97 2.88
C2 GF2 C 8 -11.46 8.67 -15.00
C2 GF2 C 8 -0.33 2.07 5.48
N2 GF2 C 8 0.08 5.73 3.81
N2 GF2 C 8 -11.06 8.44 -16.24
N2 GF2 C 8 -1.54 2.20 6.10
N3 GF2 C 8 1.95 5.36 2.49
N3 GF2 C 8 -12.62 8.12 -14.60
N3 GF2 C 8 0.58 3.00 5.76
C4 GF2 C 8 2.61 4.68 1.59
C4 GF2 C 8 -13.08 8.36 -13.40
C4 GF2 C 8 1.75 3.01 5.17
C5 GF2 C 8 2.10 3.43 1.09
C5 GF2 C 8 -12.40 9.22 -12.48
C5 GF2 C 8 2.14 1.91 4.33
C6 GF2 C 8 0.79 2.98 1.59
C6 GF2 C 8 -11.12 9.81 -12.96
C6 GF2 C 8 1.15 0.84 4.09
O6 GF2 C 8 0.25 1.90 1.17
O6 GF2 C 8 -10.41 10.57 -12.28
O6 GF2 C 8 1.44 -0.15 3.33
N7 GF2 C 8 3.02 2.96 0.23
N7 GF2 C 8 -13.10 9.21 -11.32
N7 GF2 C 8 3.39 2.16 3.90
C8 GF2 C 8 4.06 3.84 0.23
C8 GF2 C 8 -14.21 8.45 -11.55
C8 GF2 C 8 3.78 3.34 4.46
N9 GF2 C 8 3.80 4.87 1.14
N9 GF2 C 8 -14.13 7.89 -12.78
N9 GF2 C 8 2.78 3.84 5.22
C1' GF2 C 8 4.46 6.22 1.29
C1' GF2 C 8 -15.17 7.07 -13.49
C1' GF2 C 8 2.77 5.12 5.96
OP2 GF2 C 8 7.06 2.51 -1.48
OP2 GF2 C 8 -15.91 8.04 -7.84
OP2 GF2 C 8 7.84 3.57 3.62
C2' GF2 C 8 5.20 6.42 2.60
C2' GF2 C 8 -14.83 5.58 -13.44
C2' GF2 C 8 3.08 4.89 7.40
OP1 GF2 C 8 9.25 3.92 -1.43
OP1 GF2 C 8 -18.01 6.44 -8.11
OP1 GF2 C 8 9.03 5.48 4.84
C3' GF2 C 8 6.61 6.08 2.22
C3' GF2 C 8 -15.45 5.18 -12.14
C3' GF2 C 8 4.55 5.09 7.49
O3' GF2 C 8 7.61 6.49 3.12
O3' GF2 C 8 -15.67 3.79 -11.99
O3' GF2 C 8 4.97 5.40 8.80
C4' GF2 C 8 6.73 6.66 0.82
C4' GF2 C 8 -16.74 5.97 -12.19
C4' GF2 C 8 4.77 6.23 6.49
O4' GF2 C 8 5.45 6.39 0.24
O4' GF2 C 8 -16.39 7.22 -12.81
O4' GF2 C 8 3.77 6.02 5.49
C5' GF2 C 8 7.73 5.96 0.00
C5' GF2 C 8 -17.33 6.14 -10.82
C5' GF2 C 8 6.17 6.32 5.86
O5' GF2 C 8 7.09 4.73 -0.38
O5' GF2 C 8 -16.44 6.87 -9.98
O5' GF2 C 8 6.53 5.07 5.24
F AF2 C 9 3.19 5.30 8.08
F AF2 C 9 -9.80 3.42 -15.73
F AF2 C 9 -0.36 2.25 12.30
P AF2 C 9 8.29 5.40 4.07
P AF2 C 9 -14.57 2.91 -11.19
P AF2 C 9 5.47 4.24 9.77
N1 AF2 C 9 -0.05 0.81 4.90
N1 AF2 C 9 -7.05 8.42 -12.97
N1 AF2 C 9 -0.61 -1.72 6.99
C2 AF2 C 9 -0.09 1.88 5.73
C2 AF2 C 9 -7.23 7.72 -14.09
C2 AF2 C 9 -1.35 -1.19 8.00
N3 AF2 C 9 0.93 2.70 5.88
N3 AF2 C 9 -8.27 6.87 -14.26
N3 AF2 C 9 -0.92 -0.09 8.69
C4 AF2 C 9 2.00 2.58 5.14
C4 AF2 C 9 -9.17 6.70 -13.31
C4 AF2 C 9 0.31 0.42 8.46
C5 AF2 C 9 2.16 1.46 4.26
C5 AF2 C 9 -9.00 7.36 -12.04
C5 AF2 C 9 1.15 -0.12 7.44
C6 AF2 C 9 1.02 0.55 4.15
C6 AF2 C 9 -7.93 8.31 -11.94
C6 AF2 C 9 0.64 -1.26 6.70
N6 AF2 C 9 1.08 -0.53 3.29
N6 AF2 C 9 -7.71 8.95 -10.74
N6 AF2 C 9 1.37 -1.80 5.71
N7 AF2 C 9 3.45 1.52 3.77
N7 AF2 C 9 -9.96 6.84 -11.21
N7 AF2 C 9 2.31 0.56 7.45
C8 AF2 C 9 3.98 2.66 4.29
C8 AF2 C 9 -10.71 6.01 -11.94
C8 AF2 C 9 2.17 1.54 8.39
N9 AF2 C 9 3.15 3.18 5.21
N9 AF2 C 9 -10.12 5.82 -13.16
N9 AF2 C 9 0.97 1.40 9.01
C1' AF2 C 9 3.28 4.45 5.91
C1' AF2 C 9 -10.62 5.01 -14.28
C1' AF2 C 9 0.40 2.30 10.05
OP2 AF2 C 9 8.46 4.12 3.29
OP2 AF2 C 9 -14.30 3.57 -9.87
OP2 AF2 C 9 6.15 3.22 8.93
C2' AF2 C 9 3.59 4.22 7.35
C2' AF2 C 9 -9.81 3.75 -14.44
C2' AF2 C 9 0.62 1.75 11.45
OP1 AF2 C 9 9.52 6.01 4.69
OP1 AF2 C 9 -15.01 1.48 -11.20
OP1 AF2 C 9 6.20 4.86 10.85
C3' AF2 C 9 5.07 4.23 7.41
C3' AF2 C 9 -10.58 2.71 -13.69
C3' AF2 C 9 1.93 2.34 11.82
O3' AF2 C 9 5.55 4.46 8.72
O3' AF2 C 9 -10.31 1.39 -14.14
O3' AF2 C 9 2.14 2.41 13.25
C4' AF2 C 9 5.25 5.46 6.53
C4' AF2 C 9 -11.95 3.11 -14.10
C4' AF2 C 9 1.81 3.72 11.24
O4' AF2 C 9 4.41 5.16 5.40
O4' AF2 C 9 -11.94 4.55 -14.01
O4' AF2 C 9 1.09 3.55 10.00
C5' AF2 C 9 6.65 5.87 6.14
C5' AF2 C 9 -13.07 2.46 -13.32
C5' AF2 C 9 3.11 4.45 10.98
O5' AF2 C 9 7.09 5.03 5.14
O5' AF2 C 9 -13.21 3.09 -12.08
O5' AF2 C 9 4.08 3.60 10.33
P UFT C 10 5.80 3.25 9.74
P UFT C 10 -8.98 0.61 -13.67
P UFT C 10 3.00 1.31 13.97
OP1 UFT C 10 6.59 3.74 10.89
OP1 UFT C 10 -9.06 -0.77 -14.13
OP1 UFT C 10 3.09 1.69 15.41
OP2 UFT C 10 6.24 2.03 8.99
OP2 UFT C 10 -8.78 0.82 -12.21
OP2 UFT C 10 4.27 1.08 13.16
O5' UFT C 10 4.34 2.85 10.24
O5' UFT C 10 -7.81 1.44 -14.36
O5' UFT C 10 1.99 0.05 13.98
N1 UFT C 10 1.24 0.93 9.03
N1 UFT C 10 -5.43 4.51 -13.83
N1 UFT C 10 0.97 -3.17 10.09
C6 UFT C 10 2.47 1.08 8.46
C6 UFT C 10 -6.51 4.10 -13.10
C6 UFT C 10 2.07 -2.42 9.94
C2 UFT C 10 0.39 -0.06 8.59
C2 UFT C 10 -4.60 5.51 -13.35
C2 UFT C 10 0.83 -4.39 9.33
O2 UFT C 10 -0.75 -0.21 9.15
O2 UFT C 10 -3.60 5.90 -14.07
O2 UFT C 10 -0.15 -5.13 9.52
N3 UFT C 10 0.82 -0.96 7.74
N3 UFT C 10 -4.83 6.02 -12.14
N3 UFT C 10 1.72 -4.70 8.38
C4 UFT C 10 2.04 -0.84 7.16
C4 UFT C 10 -5.89 5.60 -11.40
C4 UFT C 10 2.81 -3.91 8.17
O4 UFT C 10 2.38 -1.59 6.26
O4 UFT C 10 -6.16 6.13 -10.34
O4 UFT C 10 3.65 -4.22 7.34
C5 UFT C 10 2.89 0.18 7.55
C5 UFT C 10 -6.76 4.67 -11.90
C5 UFT C 10 3.02 -2.77 8.98
F2' UFT C 10 -0.21 2.26 12.13
F2' UFT C 10 -3.53 2.92 -16.50
F2' UFT C 10 -1.16 -3.93 12.90
C2' UFT C 10 0.71 1.47 11.40
C2' UFT C 10 -4.14 2.95 -15.25
C2' UFT C 10 0.05 -3.92 12.24
C5' UFT C 10 3.62 3.73 11.06
C5' UFT C 10 -7.32 1.12 -15.63
C5' UFT C 10 2.26 -1.26 13.50
C4' UFT C 10 2.22 3.21 11.21
C4' UFT C 10 -6.14 1.97 -15.92
C4' UFT C 10 0.90 -1.92 13.20
O4' UFT C 10 1.60 3.09 9.94
O4' UFT C 10 -6.44 3.33 -15.65
O4' UFT C 10 0.38 -1.63 11.85
C1' UFT C 10 0.70 1.98 9.96
C1' UFT C 10 -5.24 3.99 -15.23
C1' UFT C 10 0.00 -2.86 11.17
C3' UFT C 10 2.12 1.83 11.77
C3' UFT C 10 -4.94 1.71 -15.05
C3' UFT C 10 1.08 -3.41 13.19
O3' UFT C 10 2.40 1.82 13.21
O3' UFT C 10 -4.23 0.50 -15.39
O3' UFT C 10 0.90 -3.96 14.48
P UFT C 11 3.26 0.58 13.88
P UFT C 11 -3.45 -0.37 -14.23
P UFT C 11 1.72 -5.23 14.91
OP1 UFT C 11 3.15 0.70 15.33
OP1 UFT C 11 -2.66 -1.37 -14.89
OP1 UFT C 11 1.43 -5.48 16.36
OP2 UFT C 11 4.61 0.53 13.31
OP2 UFT C 11 -4.42 -0.77 -13.21
OP2 UFT C 11 3.12 -5.07 14.39
O5' UFT C 11 2.49 -0.72 13.31
O5' UFT C 11 -2.53 0.74 -13.47
O5' UFT C 11 1.03 -6.41 14.05
N1 UFT C 11 1.36 -3.52 10.15
N1 UFT C 11 -2.07 4.39 -11.32
N1 UFT C 11 1.08 -7.94 10.39
C6 UFT C 11 2.57 -2.91 9.98
C6 UFT C 11 -3.12 3.60 -11.05
C6 UFT C 11 1.80 -6.85 10.71
C2 UFT C 11 0.85 -4.37 9.19
C2 UFT C 11 -1.76 5.48 -10.55
C2 UFT C 11 1.42 -8.72 9.26
O2 UFT C 11 -0.30 -4.71 9.34
O2 UFT C 11 -0.79 6.10 -10.86
O2 UFT C 11 0.72 -9.69 8.93
N3 UFT C 11 1.57 -4.63 8.04
N3 UFT C 11 -2.50 5.72 -9.45
N3 UFT C 11 2.49 -8.40 8.53
C4 UFT C 11 2.82 -4.12 7.90
C4 UFT C 11 -3.62 4.95 -9.18
C4 UFT C 11 3.27 -7.38 8.88
O4 UFT C 11 3.49 -4.42 6.89
O4 UFT C 11 -4.32 5.21 -8.21
O4 UFT C 11 4.20 -7.06 8.13
C5 UFT C 11 3.33 -3.23 8.88
C5 UFT C 11 -3.89 3.82 -9.94
C5 UFT C 11 2.92 -6.55 9.96
F2' UFT C 11 -1.10 -4.30 12.59
F2' UFT C 11 1.28 4.14 -12.65
F2' UFT C 11 -1.28 -10.15 11.52
C2' UFT C 11 0.24 -4.23 12.27
C2' UFT C 11 0.23 3.58 -11.88
C2' UFT C 11 -0.06 -9.57 11.75
C5' UFT C 11 1.79 -1.49 14.13
C5' UFT C 11 -1.29 0.60 -13.26
C5' UFT C 11 -0.16 -7.04 14.49
C4' UFT C 11 0.79 -2.25 13.35
C4' UFT C 11 -0.70 1.93 -13.20
C4' UFT C 11 -0.60 -7.97 13.38
O4' UFT C 11 0.93 -1.97 11.92
O4' UFT C 11 -1.72 2.97 -13.08
O4' UFT C 11 -0.46 -7.28 12.11
C1' UFT C 11 0.42 -3.13 11.24
C1' UFT C 11 -1.14 4.08 -12.42
C1' UFT C 11 -0.16 -8.24 11.09
C3' UFT C 11 1.07 -3.74 13.44
C3' UFT C 11 0.17 2.03 -12.02
C3' UFT C 11 0.25 -9.24 13.23
O3' UFT C 11 0.79 -4.31 14.75
O3' UFT C 11 1.37 1.27 -12.33
O3' UFT C 11 -0.07 -10.25 14.25
P CFZ C 12 1.64 -5.63 15.30
P CFZ C 12 2.17 0.49 -11.12
P CFZ C 12 0.92 -11.54 14.52
N1 CFZ C 12 0.96 -8.33 10.81
N1 CFZ C 12 1.38 4.67 -8.10
N1 CFZ C 12 2.57 -12.92 9.59
C2 CFZ C 12 1.19 -9.03 9.60
C2 CFZ C 12 0.98 5.40 -6.96
C2 CFZ C 12 3.41 -13.05 8.47
O2 CFZ C 12 0.34 -9.85 9.21
O2 CFZ C 12 1.71 6.34 -6.57
O2 CFZ C 12 3.08 -13.79 7.51
N3 CFZ C 12 2.29 -8.88 8.92
N3 CFZ C 12 -0.14 5.11 -6.32
N3 CFZ C 12 4.54 -12.32 8.38
C4 CFZ C 12 3.19 -7.95 9.31
C4 CFZ C 12 -0.90 4.06 -6.73
C4 CFZ C 12 4.92 -11.54 9.41
N4 CFZ C 12 4.28 -7.78 8.50
N4 CFZ C 12 -2.05 3.79 -6.09
N4 CFZ C 12 6.05 -10.80 9.29
C5 CFZ C 12 3.01 -7.25 10.51
C5 CFZ C 12 -0.48 3.26 -7.84
C5 CFZ C 12 4.08 -11.35 10.48
C6 CFZ C 12 1.87 -7.44 11.26
C6 CFZ C 12 0.68 3.57 -8.50
C6 CFZ C 12 2.91 -12.10 10.58
C1' CFZ C 12 -0.36 -8.53 11.46
C1' CFZ C 12 2.51 5.11 -8.86
C1' CFZ C 12 1.29 -13.63 9.59
O1P CFZ C 12 1.36 -5.82 16.75
O1P CFZ C 12 3.29 -0.31 -11.73
O1P CFZ C 12 0.31 -12.41 15.57
C2' CFZ C 12 -0.40 -9.80 12.23
C2' CFZ C 12 3.80 4.79 -8.18
C2' CFZ C 12 1.41 -14.96 10.31
F2' CFZ C 12 -1.65 -10.36 12.26
F2' CFZ C 12 4.65 5.77 -8.51
F2' CFZ C 12 0.35 -15.75 9.93
O2P CFZ C 12 3.09 -5.52 14.86
O2P CFZ C 12 1.18 -0.22 -10.23
O2P CFZ C 12 2.32 -11.02 14.76
C3' CFZ C 12 -0.13 -9.36 13.62
C3' CFZ C 12 4.32 3.50 -8.84
C3' CFZ C 12 1.14 -14.64 11.71
O3' CFZ C 12 -0.71 -10.25 14.56
O3' CFZ C 12 5.75 3.28 -8.82
O3' CFZ C 12 0.77 -15.79 12.47
C4' CFZ C 12 -0.83 -8.04 13.66
C4' CFZ C 12 3.84 3.75 -10.23
C4' CFZ C 12 -0.03 -13.66 11.50
O4' CFZ C 12 -0.62 -7.49 12.37
O4' CFZ C 12 2.58 4.48 -10.10
O4' CFZ C 12 0.31 -12.89 10.36
C5' CFZ C 12 -0.34 -7.06 14.69
C5' CFZ C 12 3.63 2.53 -11.05
C5' CFZ C 12 -0.27 -12.76 12.66
O5' CFZ C 12 1.03 -6.81 14.49
O5' CFZ C 12 2.80 1.67 -10.33
O5' CFZ C 12 0.94 -12.27 13.15
N1 BRU D 4 -4.50 -1.38 5.02
N1 BRU D 4 -3.25 11.47 -13.89
N1 BRU D 4 -3.71 -5.14 5.27
C2 BRU D 4 -3.26 -0.77 5.29
C2 BRU D 4 -4.24 10.47 -13.84
C2 BRU D 4 -2.91 -4.20 6.02
N3 BRU D 4 -2.23 -0.97 4.45
N3 BRU D 4 -5.20 10.50 -12.92
N3 BRU D 4 -1.72 -3.79 5.56
C4 BRU D 4 -2.30 -1.70 3.34
C4 BRU D 4 -5.30 11.47 -12.05
C4 BRU D 4 -1.23 -4.22 4.41
C5 BRU D 4 -3.58 -2.28 3.04
C5 BRU D 4 -4.26 12.48 -12.06
C5 BRU D 4 -1.96 -5.25 3.63
C6 BRU D 4 -4.63 -2.14 3.93
C6 BRU D 4 -3.31 12.50 -13.06
C6 BRU D 4 -3.20 -5.68 4.13
O2 BRU D 4 -3.15 -0.02 6.27
O2 BRU D 4 -4.25 9.56 -14.72
O2 BRU D 4 -3.31 -3.72 7.10
O4 BRU D 4 -1.31 -1.81 2.55
O4 BRU D 4 -6.22 11.45 -11.14
O4 BRU D 4 -0.16 -3.75 3.99
BR BRU D 4 -3.77 -3.37 1.59
BR BRU D 4 -4.34 13.98 -10.96
BR BRU D 4 -1.24 -5.92 1.95
C1' BRU D 4 -5.66 -1.11 5.89
C1' BRU D 4 -2.28 11.48 -14.96
C1' BRU D 4 -4.95 -5.70 5.85
C2' BRU D 4 -6.62 -0.16 5.18
C2' BRU D 4 -2.81 12.44 -16.02
C2' BRU D 4 -6.25 -5.42 5.10
C3' BRU D 4 -8.00 -0.69 5.42
C3' BRU D 4 -1.66 13.29 -16.45
C3' BRU D 4 -7.16 -6.58 5.58
C4' BRU D 4 -7.74 -1.95 6.31
C4' BRU D 4 -0.49 12.70 -15.70
C4' BRU D 4 -6.20 -7.66 6.06
O3' BRU D 4 -8.82 0.19 6.19
O3' BRU D 4 -1.42 13.19 -17.86
O3' BRU D 4 -7.89 -6.24 6.80
O4' BRU D 4 -6.38 -2.31 6.12
O4' BRU D 4 -1.02 12.02 -14.55
O4' BRU D 4 -4.85 -7.13 5.85
C5' BRU D 4 -8.60 -3.19 6.03
C5' BRU D 4 0.52 13.72 -15.24
C5' BRU D 4 -6.36 -9.05 5.45
O5' BRU D 4 -8.21 -4.25 6.92
O5' BRU D 4 1.57 12.99 -14.62
O5' BRU D 4 -6.07 -9.01 4.09
P BRU D 4 -8.96 -5.72 6.97
P BRU D 4 2.90 13.61 -13.93
P BRU D 4 -6.40 -10.30 3.11
OP1 BRU D 4 -9.76 -5.86 8.19
OP1 BRU D 4 4.11 13.26 -14.68
OP1 BRU D 4 -7.52 -11.08 3.67
OP2 BRU D 4 -9.69 -5.93 5.64
OP2 BRU D 4 2.64 15.06 -13.63
OP2 BRU D 4 -6.48 -9.74 1.70
NA NA E . 0.31 -3.85 -13.87
CL CL F . 10.72 -0.04 -32.47
C1 PEG G . 17.98 6.84 -21.00
O1 PEG G . 18.92 5.87 -20.59
C2 PEG G . 16.64 6.40 -20.43
O2 PEG G . 15.71 7.35 -20.63
C3 PEG G . 15.46 7.71 -21.96
C4 PEG G . 14.96 6.44 -22.67
O4 PEG G . 13.57 6.58 -22.95
C1 GOL H . -1.55 -15.36 5.38
O1 GOL H . -1.66 -15.93 6.70
C2 GOL H . -0.51 -14.30 5.44
O2 GOL H . -1.01 -13.12 6.18
C3 GOL H . 0.70 -14.94 6.15
O3 GOL H . 1.77 -15.11 5.18
#